data_1TFI
#
_entry.id   1TFI
#
_cell.length_a   1.000
_cell.length_b   1.000
_cell.length_c   1.000
_cell.angle_alpha   90.00
_cell.angle_beta   90.00
_cell.angle_gamma   90.00
#
_symmetry.space_group_name_H-M   'P 1'
#
loop_
_entity.id
_entity.type
_entity.pdbx_description
1 polymer 'TRANSCRIPTIONAL ELONGATION FACTOR SII'
2 non-polymer 'ZINC ION'
#
_entity_poly.entity_id   1
_entity_poly.type   'polypeptide(L)'
_entity_poly.pdbx_seq_one_letter_code
;KTGGTQTDLFTCGKCKKKNCTYTQVQTRSADEPMTTFVVCNECGNRWKFC
;
_entity_poly.pdbx_strand_id   A
#
loop_
_chem_comp.id
_chem_comp.type
_chem_comp.name
_chem_comp.formula
ZN non-polymer 'ZINC ION' 'Zn 2'
#
# COMPACT_ATOMS: atom_id res chain seq x y z
N LYS A 1 11.76 -1.34 -8.30
CA LYS A 1 12.85 -1.88 -7.43
C LYS A 1 12.58 -1.55 -5.96
N THR A 2 11.40 -1.99 -5.58
CA THR A 2 10.86 -1.83 -4.20
C THR A 2 10.38 -3.25 -3.83
N GLY A 3 9.76 -3.43 -2.69
CA GLY A 3 9.29 -4.82 -2.30
C GLY A 3 7.79 -4.97 -2.09
N GLY A 4 7.04 -4.64 -3.11
CA GLY A 4 5.55 -4.74 -3.06
C GLY A 4 4.98 -5.36 -4.33
N THR A 5 3.67 -5.53 -4.36
CA THR A 5 2.98 -6.12 -5.54
C THR A 5 1.93 -5.17 -6.12
N GLN A 6 1.73 -5.26 -7.41
CA GLN A 6 0.71 -4.38 -8.09
C GLN A 6 -0.58 -5.12 -7.79
N THR A 7 -1.39 -4.41 -7.06
CA THR A 7 -2.71 -4.92 -6.61
C THR A 7 -3.91 -4.12 -7.14
N ASP A 8 -3.78 -2.82 -7.15
CA ASP A 8 -4.86 -1.92 -7.63
C ASP A 8 -6.21 -2.19 -6.92
N LEU A 9 -6.23 -1.92 -5.65
CA LEU A 9 -7.47 -2.13 -4.82
C LEU A 9 -7.93 -0.73 -4.40
N PHE A 10 -6.97 0.11 -4.13
CA PHE A 10 -7.26 1.51 -3.71
C PHE A 10 -6.67 2.50 -4.71
N THR A 11 -7.31 3.64 -4.87
CA THR A 11 -6.80 4.68 -5.82
C THR A 11 -5.86 5.59 -5.04
N CYS A 12 -5.13 6.39 -5.76
CA CYS A 12 -4.17 7.33 -5.14
C CYS A 12 -5.03 8.51 -4.66
N GLY A 13 -4.38 9.45 -4.05
CA GLY A 13 -5.09 10.65 -3.53
C GLY A 13 -4.62 11.88 -4.32
N LYS A 14 -4.03 11.62 -5.47
CA LYS A 14 -3.52 12.70 -6.36
C LYS A 14 -3.80 12.50 -7.85
N CYS A 15 -3.19 11.46 -8.36
CA CYS A 15 -3.29 11.04 -9.77
C CYS A 15 -4.65 10.47 -10.16
N LYS A 16 -5.44 10.10 -9.16
CA LYS A 16 -6.78 9.51 -9.28
C LYS A 16 -6.82 8.38 -10.35
N LYS A 17 -5.90 7.42 -10.24
CA LYS A 17 -5.85 6.28 -11.21
C LYS A 17 -5.83 4.96 -10.40
N LYS A 18 -5.62 3.85 -11.08
CA LYS A 18 -5.59 2.51 -10.39
C LYS A 18 -4.24 1.75 -10.51
N ASN A 19 -3.13 2.41 -10.23
CA ASN A 19 -1.81 1.71 -10.31
C ASN A 19 -1.06 1.98 -9.01
N CYS A 20 -1.61 1.33 -8.03
CA CYS A 20 -1.10 1.38 -6.63
C CYS A 20 -0.68 -0.05 -6.26
N THR A 21 0.35 -0.07 -5.47
CA THR A 21 0.95 -1.35 -4.98
C THR A 21 0.76 -1.39 -3.47
N TYR A 22 0.63 -2.58 -2.93
CA TYR A 22 0.46 -2.68 -1.46
C TYR A 22 1.38 -3.78 -0.98
N THR A 23 1.63 -3.70 0.29
CA THR A 23 2.51 -4.67 0.98
C THR A 23 1.80 -5.00 2.27
N GLN A 24 2.04 -6.20 2.72
CA GLN A 24 1.39 -6.66 3.97
C GLN A 24 2.53 -7.08 4.91
N VAL A 25 2.79 -6.17 5.82
CA VAL A 25 3.86 -6.34 6.85
C VAL A 25 3.17 -6.32 8.22
N GLN A 26 3.84 -6.90 9.17
CA GLN A 26 3.34 -6.99 10.58
C GLN A 26 4.36 -6.57 11.64
N THR A 27 4.56 -5.28 11.73
CA THR A 27 5.52 -4.65 12.72
C THR A 27 6.03 -5.54 13.85
N ARG A 28 7.33 -5.67 13.88
CA ARG A 28 8.05 -6.49 14.91
C ARG A 28 7.40 -7.83 15.30
N SER A 29 7.86 -8.84 14.59
CA SER A 29 7.45 -10.28 14.71
C SER A 29 6.31 -10.68 13.77
N ALA A 30 6.19 -11.97 13.60
CA ALA A 30 5.14 -12.57 12.72
C ALA A 30 4.02 -13.17 13.59
N ASP A 31 4.01 -12.74 14.82
CA ASP A 31 3.02 -13.19 15.84
C ASP A 31 2.25 -11.95 16.35
N GLU A 32 2.66 -10.81 15.83
CA GLU A 32 2.05 -9.50 16.19
C GLU A 32 1.38 -8.99 14.88
N PRO A 33 0.25 -9.59 14.55
CA PRO A 33 -0.30 -9.64 13.17
C PRO A 33 -0.34 -8.40 12.25
N MET A 34 -0.42 -8.74 10.99
CA MET A 34 -0.48 -7.84 9.79
C MET A 34 -1.06 -6.42 9.89
N THR A 35 -0.53 -5.64 8.98
CA THR A 35 -0.88 -4.20 8.78
C THR A 35 -0.81 -4.07 7.25
N THR A 36 -1.81 -3.47 6.66
CA THR A 36 -1.82 -3.31 5.16
C THR A 36 -1.66 -1.83 4.82
N PHE A 37 -0.59 -1.53 4.12
CA PHE A 37 -0.27 -0.15 3.69
C PHE A 37 -0.53 -0.15 2.15
N VAL A 38 -0.88 0.98 1.57
CA VAL A 38 -1.14 1.10 0.10
C VAL A 38 -0.30 2.30 -0.33
N VAL A 39 0.49 2.08 -1.35
CA VAL A 39 1.37 3.14 -1.88
C VAL A 39 1.19 3.28 -3.39
N CYS A 40 1.01 4.50 -3.81
CA CYS A 40 0.83 4.78 -5.25
C CYS A 40 2.21 4.71 -5.91
N ASN A 41 2.26 3.93 -6.96
CA ASN A 41 3.53 3.73 -7.73
C ASN A 41 3.73 4.89 -8.68
N GLU A 42 2.71 5.71 -8.75
CA GLU A 42 2.74 6.88 -9.64
C GLU A 42 3.37 8.21 -9.19
N CYS A 43 2.97 8.72 -8.07
CA CYS A 43 3.55 10.01 -7.59
C CYS A 43 4.13 9.67 -6.24
N GLY A 44 3.73 8.54 -5.72
CA GLY A 44 4.27 8.17 -4.38
C GLY A 44 3.42 8.78 -3.25
N ASN A 45 2.17 8.44 -3.27
CA ASN A 45 1.18 8.94 -2.27
C ASN A 45 0.95 7.65 -1.48
N ARG A 46 1.17 7.66 -0.18
CA ARG A 46 0.97 6.40 0.61
C ARG A 46 0.12 6.65 1.84
N TRP A 47 -0.65 5.65 2.14
CA TRP A 47 -1.55 5.69 3.31
C TRP A 47 -1.79 4.23 3.77
N LYS A 48 -2.51 4.04 4.84
CA LYS A 48 -2.78 2.65 5.35
C LYS A 48 -4.28 2.36 5.38
N PHE A 49 -4.49 1.09 5.54
CA PHE A 49 -5.85 0.46 5.61
C PHE A 49 -5.96 -0.37 6.89
N CYS A 50 -4.95 -1.20 7.08
CA CYS A 50 -4.77 -2.16 8.24
C CYS A 50 -4.74 -3.60 7.73
ZN ZN B . -0.18 9.24 -7.17
N LYS A 1 13.58 -3.04 8.04
CA LYS A 1 13.52 -3.52 6.63
C LYS A 1 12.14 -3.25 5.99
N THR A 2 11.13 -3.14 6.81
CA THR A 2 9.74 -2.89 6.30
C THR A 2 9.43 -1.39 6.49
N GLY A 3 10.22 -0.60 5.80
CA GLY A 3 10.07 0.89 5.86
C GLY A 3 8.79 1.37 5.15
N GLY A 4 8.65 2.67 5.12
CA GLY A 4 7.46 3.32 4.48
C GLY A 4 6.71 4.15 5.54
N THR A 5 5.57 4.67 5.17
CA THR A 5 4.75 5.53 6.10
C THR A 5 3.45 4.77 6.42
N GLN A 6 2.86 5.03 7.56
CA GLN A 6 1.58 4.33 7.94
C GLN A 6 0.44 5.34 7.73
N THR A 7 -0.48 4.91 6.92
CA THR A 7 -1.69 5.71 6.54
C THR A 7 -3.01 4.92 6.63
N ASP A 8 -4.05 5.59 6.21
CA ASP A 8 -5.42 4.99 6.21
C ASP A 8 -6.20 5.32 4.91
N LEU A 9 -5.61 5.00 3.77
CA LEU A 9 -6.26 5.28 2.45
C LEU A 9 -6.53 3.92 1.78
N PHE A 10 -5.75 2.96 2.19
CA PHE A 10 -5.85 1.58 1.63
C PHE A 10 -6.43 0.56 2.61
N THR A 11 -7.01 -0.47 2.03
CA THR A 11 -7.61 -1.58 2.82
C THR A 11 -6.87 -2.83 2.39
N CYS A 12 -6.76 -3.71 3.35
CA CYS A 12 -6.08 -5.00 3.16
C CYS A 12 -7.21 -5.96 2.78
N GLY A 13 -7.01 -6.62 1.68
CA GLY A 13 -8.05 -7.58 1.20
C GLY A 13 -8.02 -8.91 1.96
N LYS A 14 -7.51 -8.88 3.16
CA LYS A 14 -7.43 -10.11 4.00
C LYS A 14 -8.05 -9.93 5.40
N CYS A 15 -7.46 -9.07 6.19
CA CYS A 15 -8.02 -8.86 7.57
C CYS A 15 -9.27 -7.97 7.50
N LYS A 16 -9.32 -7.19 6.44
CA LYS A 16 -10.40 -6.22 6.09
C LYS A 16 -10.24 -4.94 6.94
N LYS A 17 -9.01 -4.51 7.16
CA LYS A 17 -8.77 -3.29 7.99
C LYS A 17 -7.93 -2.30 7.17
N LYS A 18 -7.70 -1.14 7.73
CA LYS A 18 -6.90 -0.08 7.02
C LYS A 18 -5.71 0.62 7.76
N ASN A 19 -4.89 -0.15 8.42
CA ASN A 19 -3.70 0.43 9.14
C ASN A 19 -2.58 -0.24 8.35
N CYS A 20 -2.46 0.36 7.20
CA CYS A 20 -1.48 -0.05 6.18
C CYS A 20 -0.40 0.98 5.98
N THR A 21 0.65 0.48 5.43
CA THR A 21 1.84 1.30 5.12
C THR A 21 2.14 1.28 3.63
N TYR A 22 2.63 2.41 3.17
CA TYR A 22 2.97 2.55 1.74
C TYR A 22 4.20 3.42 1.56
N THR A 23 4.79 3.21 0.42
CA THR A 23 6.01 3.94 0.01
C THR A 23 5.69 4.45 -1.39
N GLN A 24 6.34 5.52 -1.75
CA GLN A 24 6.10 6.10 -3.10
C GLN A 24 7.43 6.26 -3.86
N VAL A 25 7.61 5.43 -4.86
CA VAL A 25 8.83 5.43 -5.72
C VAL A 25 8.33 5.80 -7.12
N GLN A 26 9.27 6.09 -7.98
CA GLN A 26 8.94 6.46 -9.39
C GLN A 26 9.28 5.35 -10.35
N THR A 27 8.24 4.61 -10.51
CA THR A 27 8.24 3.41 -11.40
C THR A 27 6.91 3.34 -12.20
N ARG A 28 6.45 2.14 -12.42
CA ARG A 28 5.19 1.78 -13.16
C ARG A 28 4.25 2.94 -13.54
N SER A 29 3.89 3.69 -12.54
CA SER A 29 2.97 4.85 -12.75
C SER A 29 3.67 6.13 -13.19
N ALA A 30 3.91 6.15 -14.46
CA ALA A 30 4.57 7.30 -15.13
C ALA A 30 3.44 8.03 -15.90
N ASP A 31 2.27 7.89 -15.32
CA ASP A 31 1.00 8.49 -15.84
C ASP A 31 0.32 9.20 -14.66
N GLU A 32 0.52 8.61 -13.51
CA GLU A 32 -0.04 9.11 -12.20
C GLU A 32 1.19 9.50 -11.34
N PRO A 33 1.97 10.43 -11.84
CA PRO A 33 3.42 10.59 -11.51
C PRO A 33 3.89 10.16 -10.12
N MET A 34 4.32 8.93 -10.08
CA MET A 34 4.86 8.18 -8.88
C MET A 34 3.87 7.03 -8.64
N THR A 35 4.35 5.96 -8.06
CA THR A 35 3.46 4.79 -7.80
C THR A 35 3.18 4.70 -6.29
N THR A 36 2.04 4.13 -6.01
CA THR A 36 1.54 3.94 -4.62
C THR A 36 1.38 2.44 -4.37
N PHE A 37 2.40 1.84 -3.77
CA PHE A 37 2.36 0.39 -3.48
C PHE A 37 1.94 0.34 -2.02
N VAL A 38 1.05 -0.56 -1.69
CA VAL A 38 0.57 -0.67 -0.30
C VAL A 38 0.69 -2.09 0.24
N VAL A 39 1.18 -2.11 1.44
CA VAL A 39 1.39 -3.36 2.20
C VAL A 39 0.72 -3.15 3.54
N CYS A 40 0.08 -4.20 4.00
CA CYS A 40 -0.61 -4.11 5.32
C CYS A 40 0.34 -4.49 6.47
N ASN A 41 0.28 -3.71 7.51
CA ASN A 41 1.11 -3.90 8.73
C ASN A 41 0.35 -4.75 9.76
N GLU A 42 -0.86 -5.08 9.38
CA GLU A 42 -1.76 -5.87 10.23
C GLU A 42 -1.61 -7.38 10.17
N CYS A 43 -1.78 -7.94 9.01
CA CYS A 43 -1.65 -9.42 8.86
C CYS A 43 -0.57 -9.60 7.78
N GLY A 44 -0.28 -8.52 7.09
CA GLY A 44 0.75 -8.63 6.02
C GLY A 44 0.26 -9.03 4.62
N ASN A 45 -0.51 -8.17 4.01
CA ASN A 45 -1.07 -8.41 2.65
C ASN A 45 -0.45 -7.32 1.76
N ARG A 46 -0.61 -7.45 0.47
CA ARG A 46 -0.03 -6.43 -0.47
C ARG A 46 -0.83 -6.24 -1.75
N TRP A 47 -1.01 -4.98 -2.11
CA TRP A 47 -1.77 -4.60 -3.33
C TRP A 47 -1.26 -3.23 -3.82
N LYS A 48 -1.71 -2.81 -4.98
CA LYS A 48 -1.26 -1.48 -5.54
C LYS A 48 -2.45 -0.54 -5.66
N PHE A 49 -2.19 0.63 -6.20
CA PHE A 49 -3.26 1.66 -6.38
C PHE A 49 -3.65 1.82 -7.86
N CYS A 50 -2.70 2.22 -8.67
CA CYS A 50 -2.95 2.41 -10.14
C CYS A 50 -1.94 1.61 -10.94
ZN ZN B . -4.28 -7.21 6.75
N LYS A 1 -3.27 4.77 8.97
CA LYS A 1 -4.31 3.76 8.65
C LYS A 1 -5.65 4.15 9.32
N THR A 2 -6.37 5.00 8.64
CA THR A 2 -7.69 5.47 9.15
C THR A 2 -8.79 4.84 8.28
N GLY A 3 -8.71 3.53 8.23
CA GLY A 3 -9.68 2.70 7.45
C GLY A 3 -8.84 1.98 6.38
N GLY A 4 -8.63 2.67 5.29
CA GLY A 4 -7.83 2.09 4.17
C GLY A 4 -8.58 1.75 2.86
N THR A 5 -8.56 2.68 1.95
CA THR A 5 -9.22 2.59 0.60
C THR A 5 -9.68 1.17 0.16
N GLN A 6 -8.70 0.40 -0.28
CA GLN A 6 -8.81 -1.02 -0.78
C GLN A 6 -8.65 -0.96 -2.31
N THR A 7 -7.63 -1.61 -2.81
CA THR A 7 -7.36 -1.62 -4.27
C THR A 7 -6.95 -3.01 -4.79
N ASP A 8 -7.05 -3.11 -6.09
CA ASP A 8 -6.70 -4.36 -6.84
C ASP A 8 -5.69 -3.85 -7.88
N LEU A 9 -4.63 -3.34 -7.33
CA LEU A 9 -3.49 -2.77 -8.10
C LEU A 9 -2.22 -3.58 -7.88
N PHE A 10 -2.12 -4.05 -6.67
CA PHE A 10 -0.94 -4.86 -6.25
C PHE A 10 -1.34 -6.23 -5.69
N THR A 11 -0.41 -7.16 -5.78
CA THR A 11 -0.66 -8.52 -5.25
C THR A 11 0.21 -8.62 -4.01
N CYS A 12 -0.19 -9.47 -3.10
CA CYS A 12 0.58 -9.64 -1.86
C CYS A 12 1.70 -10.59 -2.27
N GLY A 13 2.89 -10.13 -2.05
CA GLY A 13 4.08 -10.96 -2.42
C GLY A 13 4.31 -12.15 -1.47
N LYS A 14 3.26 -12.55 -0.78
CA LYS A 14 3.33 -13.70 0.17
C LYS A 14 2.21 -14.75 -0.04
N CYS A 15 0.99 -14.30 0.01
CA CYS A 15 -0.19 -15.22 -0.16
C CYS A 15 -0.89 -15.09 -1.52
N LYS A 16 -0.23 -14.38 -2.39
CA LYS A 16 -0.62 -14.08 -3.78
C LYS A 16 -2.15 -13.82 -3.94
N LYS A 17 -2.65 -12.79 -3.27
CA LYS A 17 -4.09 -12.45 -3.37
C LYS A 17 -4.13 -11.01 -3.86
N LYS A 18 -5.30 -10.51 -4.16
CA LYS A 18 -5.39 -9.10 -4.67
C LYS A 18 -6.28 -8.12 -3.84
N ASN A 19 -6.19 -8.20 -2.54
CA ASN A 19 -7.01 -7.31 -1.64
C ASN A 19 -6.05 -6.66 -0.67
N CYS A 20 -5.33 -5.76 -1.26
CA CYS A 20 -4.31 -4.95 -0.54
C CYS A 20 -4.88 -3.53 -0.61
N THR A 21 -4.38 -2.71 0.25
CA THR A 21 -4.83 -1.29 0.31
C THR A 21 -3.58 -0.45 0.10
N TYR A 22 -3.72 0.65 -0.59
CA TYR A 22 -2.52 1.50 -0.82
C TYR A 22 -2.80 2.91 -0.31
N THR A 23 -1.77 3.44 0.30
CA THR A 23 -1.79 4.81 0.89
C THR A 23 -0.94 5.69 0.00
N GLN A 24 -1.47 6.86 -0.17
CA GLN A 24 -0.83 7.90 -1.02
C GLN A 24 -0.37 9.07 -0.13
N VAL A 25 0.56 8.74 0.74
CA VAL A 25 1.15 9.71 1.70
C VAL A 25 2.69 9.79 1.55
N GLN A 26 3.23 10.75 2.26
CA GLN A 26 4.69 11.08 2.33
C GLN A 26 5.13 11.07 3.81
N THR A 27 6.40 11.31 4.01
CA THR A 27 7.01 11.36 5.38
C THR A 27 6.96 12.85 5.75
N ARG A 28 6.40 13.09 6.90
CA ARG A 28 6.24 14.47 7.47
C ARG A 28 5.87 15.51 6.40
N SER A 29 4.61 15.46 6.12
CA SER A 29 3.89 16.33 5.14
C SER A 29 4.62 17.65 4.83
N ALA A 30 5.47 17.58 3.83
CA ALA A 30 6.25 18.78 3.40
C ALA A 30 5.64 19.35 2.11
N ASP A 31 4.33 19.22 2.07
CA ASP A 31 3.36 19.62 1.01
C ASP A 31 2.88 18.36 0.27
N GLU A 32 3.41 17.24 0.70
CA GLU A 32 3.10 15.89 0.14
C GLU A 32 2.80 15.91 -1.38
N PRO A 33 3.87 15.81 -2.13
CA PRO A 33 3.98 14.79 -3.20
C PRO A 33 3.94 13.49 -2.41
N MET A 34 3.16 12.53 -2.83
CA MET A 34 3.10 11.25 -2.05
C MET A 34 3.89 10.11 -2.68
N THR A 35 3.79 9.02 -1.97
CA THR A 35 4.44 7.73 -2.32
C THR A 35 3.30 6.73 -2.47
N THR A 36 3.62 5.55 -2.92
CA THR A 36 2.57 4.52 -3.08
C THR A 36 3.03 3.34 -2.22
N PHE A 37 2.51 3.37 -1.01
CA PHE A 37 2.78 2.37 0.04
C PHE A 37 1.64 1.36 -0.10
N VAL A 38 1.96 0.11 -0.27
CA VAL A 38 0.90 -0.93 -0.42
C VAL A 38 1.04 -1.94 0.72
N VAL A 39 -0.06 -2.18 1.38
CA VAL A 39 -0.08 -3.14 2.52
C VAL A 39 -1.13 -4.20 2.25
N CYS A 40 -0.81 -5.41 2.63
CA CYS A 40 -1.75 -6.56 2.43
C CYS A 40 -2.51 -6.83 3.72
N ASN A 41 -3.66 -6.24 3.73
CA ASN A 41 -4.68 -6.29 4.82
C ASN A 41 -5.00 -7.73 5.20
N GLU A 42 -4.56 -8.62 4.34
CA GLU A 42 -4.77 -10.07 4.48
C GLU A 42 -3.87 -10.83 5.43
N CYS A 43 -2.59 -10.81 5.22
CA CYS A 43 -1.67 -11.56 6.13
C CYS A 43 -0.73 -10.48 6.66
N GLY A 44 -0.69 -9.39 5.94
CA GLY A 44 0.21 -8.29 6.41
C GLY A 44 1.61 -8.22 5.76
N ASN A 45 1.63 -7.87 4.51
CA ASN A 45 2.90 -7.75 3.71
C ASN A 45 2.92 -6.24 3.45
N ARG A 46 3.98 -5.52 3.77
CA ARG A 46 3.97 -4.04 3.49
C ARG A 46 5.20 -3.71 2.63
N TRP A 47 4.92 -3.14 1.48
CA TRP A 47 6.02 -2.78 0.55
C TRP A 47 5.68 -1.51 -0.25
N LYS A 48 6.67 -0.97 -0.88
CA LYS A 48 6.52 0.27 -1.72
C LYS A 48 7.13 -0.06 -3.08
N PHE A 49 6.74 0.66 -4.10
CA PHE A 49 7.30 0.41 -5.47
C PHE A 49 7.46 1.78 -6.16
N CYS A 50 6.44 2.58 -6.06
CA CYS A 50 6.42 3.95 -6.68
C CYS A 50 6.22 5.01 -5.57
ZN ZN B . -0.77 -11.54 2.13
N LYS A 1 18.96 -3.11 -5.42
CA LYS A 1 17.98 -3.79 -6.33
C LYS A 1 16.54 -3.62 -5.79
N THR A 2 16.24 -2.40 -5.45
CA THR A 2 14.89 -2.06 -4.92
C THR A 2 14.15 -1.14 -5.89
N GLY A 3 13.02 -0.68 -5.44
CA GLY A 3 12.16 0.22 -6.26
C GLY A 3 10.71 -0.22 -6.07
N GLY A 4 10.07 0.42 -5.12
CA GLY A 4 8.65 0.11 -4.80
C GLY A 4 7.75 1.17 -5.44
N THR A 5 6.99 1.86 -4.64
CA THR A 5 6.09 2.92 -5.20
C THR A 5 6.28 4.26 -4.51
N GLN A 6 6.25 4.20 -3.20
CA GLN A 6 6.41 5.41 -2.34
C GLN A 6 5.33 6.37 -2.86
N THR A 7 4.17 5.77 -2.89
CA THR A 7 2.93 6.43 -3.37
C THR A 7 2.36 7.43 -2.34
N ASP A 8 1.53 8.31 -2.85
CA ASP A 8 0.90 9.35 -1.97
C ASP A 8 -0.62 9.40 -2.22
N LEU A 9 -1.23 8.29 -1.92
CA LEU A 9 -2.71 8.12 -2.07
C LEU A 9 -3.31 7.82 -0.69
N PHE A 10 -2.49 7.17 0.10
CA PHE A 10 -2.90 6.76 1.49
C PHE A 10 -2.01 7.27 2.63
N THR A 11 -2.59 7.37 3.80
CA THR A 11 -1.87 7.84 5.03
C THR A 11 -1.73 6.67 6.00
N CYS A 12 -0.78 6.83 6.89
CA CYS A 12 -0.50 5.80 7.93
C CYS A 12 -1.42 6.13 9.10
N GLY A 13 -2.24 5.17 9.42
CA GLY A 13 -3.21 5.33 10.54
C GLY A 13 -2.55 5.42 11.92
N LYS A 14 -1.27 5.73 11.95
CA LYS A 14 -0.51 5.87 13.24
C LYS A 14 0.32 7.15 13.25
N CYS A 15 1.26 7.20 12.34
CA CYS A 15 2.18 8.36 12.21
C CYS A 15 1.46 9.61 11.68
N LYS A 16 0.35 9.40 11.00
CA LYS A 16 -0.51 10.48 10.41
C LYS A 16 0.33 11.21 9.33
N LYS A 17 1.09 10.46 8.56
CA LYS A 17 1.94 11.05 7.47
C LYS A 17 1.63 10.27 6.20
N LYS A 18 2.17 10.74 5.11
CA LYS A 18 1.93 10.07 3.79
C LYS A 18 3.22 9.53 3.14
N ASN A 19 4.00 8.83 3.92
CA ASN A 19 5.28 8.23 3.42
C ASN A 19 5.06 6.73 3.52
N CYS A 20 4.12 6.36 2.71
CA CYS A 20 3.64 4.96 2.56
C CYS A 20 3.87 4.51 1.11
N THR A 21 3.84 3.23 0.96
CA THR A 21 4.03 2.55 -0.36
C THR A 21 2.93 1.52 -0.52
N TYR A 22 2.42 1.33 -1.71
CA TYR A 22 1.34 0.32 -1.87
C TYR A 22 1.80 -0.70 -2.90
N THR A 23 1.27 -1.87 -2.71
CA THR A 23 1.55 -3.04 -3.57
C THR A 23 0.26 -3.62 -4.13
N GLN A 24 0.38 -4.10 -5.33
CA GLN A 24 -0.74 -4.72 -6.07
C GLN A 24 -0.18 -6.13 -6.30
N VAL A 25 -0.79 -7.14 -5.74
CA VAL A 25 -0.25 -8.52 -5.94
C VAL A 25 -1.03 -9.23 -7.05
N GLN A 26 -0.88 -8.61 -8.19
CA GLN A 26 -1.51 -9.02 -9.47
C GLN A 26 -2.99 -8.61 -9.42
N THR A 27 -3.21 -7.37 -9.77
CA THR A 27 -4.60 -6.84 -9.77
C THR A 27 -4.83 -6.14 -11.12
N ARG A 28 -5.55 -6.90 -11.90
CA ARG A 28 -6.03 -6.64 -13.31
C ARG A 28 -5.35 -7.66 -14.24
N SER A 29 -5.56 -8.86 -13.80
CA SER A 29 -5.06 -10.11 -14.45
C SER A 29 -5.99 -11.20 -13.90
N ALA A 30 -6.28 -12.20 -14.67
CA ALA A 30 -7.19 -13.27 -14.18
C ALA A 30 -6.52 -14.63 -13.89
N ASP A 31 -5.56 -14.57 -13.01
CA ASP A 31 -4.79 -15.78 -12.60
C ASP A 31 -4.67 -15.75 -11.08
N GLU A 32 -4.52 -14.53 -10.61
CA GLU A 32 -4.37 -14.22 -9.16
C GLU A 32 -5.19 -12.96 -8.77
N PRO A 33 -6.47 -13.08 -8.52
CA PRO A 33 -7.32 -11.92 -8.13
C PRO A 33 -6.96 -11.41 -6.72
N MET A 34 -5.94 -10.62 -6.62
CA MET A 34 -5.52 -10.08 -5.28
C MET A 34 -5.98 -8.64 -5.14
N THR A 35 -5.35 -7.86 -4.29
CA THR A 35 -5.82 -6.45 -4.14
C THR A 35 -4.68 -5.46 -3.90
N THR A 36 -5.10 -4.24 -3.69
CA THR A 36 -4.19 -3.11 -3.43
C THR A 36 -4.03 -2.92 -1.91
N PHE A 37 -2.86 -3.22 -1.42
CA PHE A 37 -2.49 -3.12 0.01
C PHE A 37 -1.55 -1.93 0.15
N VAL A 38 -1.62 -1.24 1.25
CA VAL A 38 -0.74 -0.05 1.50
C VAL A 38 -0.11 -0.27 2.86
N VAL A 39 1.20 -0.19 2.89
CA VAL A 39 1.92 -0.39 4.17
C VAL A 39 2.77 0.86 4.37
N CYS A 40 2.83 1.24 5.60
CA CYS A 40 3.63 2.44 5.99
C CYS A 40 5.07 2.05 6.21
N ASN A 41 5.86 2.57 5.31
CA ASN A 41 7.32 2.40 5.23
C ASN A 41 7.98 2.79 6.55
N GLU A 42 7.25 3.61 7.27
CA GLU A 42 7.69 4.15 8.56
C GLU A 42 7.61 3.36 9.86
N CYS A 43 6.46 2.89 10.23
CA CYS A 43 6.33 2.11 11.49
C CYS A 43 5.83 0.76 11.08
N GLY A 44 5.30 0.74 9.88
CA GLY A 44 4.76 -0.56 9.39
C GLY A 44 3.31 -0.76 9.84
N ASN A 45 2.44 0.08 9.33
CA ASN A 45 0.98 0.05 9.64
C ASN A 45 0.50 -0.50 8.30
N ARG A 46 -0.42 -1.42 8.30
CA ARG A 46 -0.88 -1.97 7.00
C ARG A 46 -2.39 -2.00 6.89
N TRP A 47 -2.86 -1.42 5.82
CA TRP A 47 -4.31 -1.34 5.55
C TRP A 47 -4.52 -1.56 4.05
N LYS A 48 -5.75 -1.77 3.65
CA LYS A 48 -6.07 -2.01 2.20
C LYS A 48 -7.17 -1.10 1.69
N PHE A 49 -7.21 -1.16 0.39
CA PHE A 49 -8.19 -0.41 -0.44
C PHE A 49 -8.59 -1.36 -1.59
N CYS A 50 -9.78 -1.16 -2.10
CA CYS A 50 -10.28 -2.03 -3.22
C CYS A 50 -10.28 -1.23 -4.53
ZN ZN B . 3.41 4.54 10.43
N LYS A 1 7.67 12.63 -5.14
CA LYS A 1 6.27 13.09 -5.40
C LYS A 1 5.34 11.90 -5.16
N THR A 2 5.15 11.62 -3.90
CA THR A 2 4.27 10.49 -3.46
C THR A 2 3.01 11.11 -2.80
N GLY A 3 2.00 10.28 -2.62
CA GLY A 3 0.72 10.73 -2.00
C GLY A 3 -0.40 10.56 -3.04
N GLY A 4 -1.18 9.51 -2.86
CA GLY A 4 -2.31 9.21 -3.81
C GLY A 4 -3.64 9.18 -3.06
N THR A 5 -3.60 8.57 -1.91
CA THR A 5 -4.79 8.44 -1.03
C THR A 5 -4.51 9.04 0.33
N GLN A 6 -3.44 8.54 0.91
CA GLN A 6 -2.93 8.96 2.25
C GLN A 6 -3.87 8.21 3.23
N THR A 7 -3.79 6.90 3.17
CA THR A 7 -4.63 6.02 4.03
C THR A 7 -3.87 5.37 5.20
N ASP A 8 -4.63 4.77 6.10
CA ASP A 8 -4.02 4.10 7.29
C ASP A 8 -4.48 2.65 7.52
N LEU A 9 -4.59 1.84 6.48
CA LEU A 9 -5.03 0.44 6.67
C LEU A 9 -3.87 -0.55 6.47
N PHE A 10 -2.70 0.02 6.50
CA PHE A 10 -1.39 -0.71 6.33
C PHE A 10 -0.28 0.00 7.10
N THR A 11 0.72 -0.73 7.53
CA THR A 11 1.85 -0.10 8.29
C THR A 11 3.08 -0.15 7.38
N CYS A 12 3.94 0.78 7.66
CA CYS A 12 5.21 0.93 6.92
C CYS A 12 6.26 0.20 7.76
N GLY A 13 6.87 -0.79 7.16
CA GLY A 13 7.91 -1.56 7.91
C GLY A 13 9.30 -0.92 7.73
N LYS A 14 9.29 0.39 7.80
CA LYS A 14 10.54 1.21 7.66
C LYS A 14 10.64 2.19 8.81
N CYS A 15 9.68 3.07 8.86
CA CYS A 15 9.64 4.12 9.93
C CYS A 15 8.55 3.74 10.96
N LYS A 16 7.85 2.67 10.65
CA LYS A 16 6.75 2.09 11.50
C LYS A 16 5.62 3.12 11.66
N LYS A 17 5.17 3.72 10.58
CA LYS A 17 4.07 4.72 10.66
C LYS A 17 2.84 4.21 9.91
N LYS A 18 1.79 4.96 10.07
CA LYS A 18 0.46 4.65 9.43
C LYS A 18 -0.08 5.73 8.46
N ASN A 19 0.78 6.27 7.64
CA ASN A 19 0.37 7.33 6.66
C ASN A 19 0.97 6.82 5.37
N CYS A 20 0.31 5.80 4.94
CA CYS A 20 0.67 5.09 3.70
C CYS A 20 -0.45 5.23 2.70
N THR A 21 -0.04 5.34 1.47
CA THR A 21 -1.00 5.47 0.34
C THR A 21 -1.10 4.10 -0.32
N TYR A 22 -2.25 3.76 -0.85
CA TYR A 22 -2.36 2.43 -1.51
C TYR A 22 -2.85 2.53 -2.94
N THR A 23 -2.52 1.49 -3.66
CA THR A 23 -2.88 1.36 -5.10
C THR A 23 -3.82 0.16 -5.19
N GLN A 24 -4.89 0.39 -5.90
CA GLN A 24 -5.96 -0.64 -6.11
C GLN A 24 -6.12 -1.08 -7.58
N VAL A 25 -5.35 -2.07 -7.95
CA VAL A 25 -5.35 -2.64 -9.33
C VAL A 25 -5.33 -4.17 -9.10
N GLN A 26 -5.46 -4.95 -10.13
CA GLN A 26 -5.46 -6.44 -9.97
C GLN A 26 -4.29 -7.20 -10.60
N THR A 27 -3.77 -8.07 -9.78
CA THR A 27 -2.62 -8.97 -10.14
C THR A 27 -2.99 -10.40 -9.72
N ARG A 28 -2.10 -11.31 -10.05
CA ARG A 28 -2.23 -12.78 -9.74
C ARG A 28 -3.19 -13.47 -10.71
N SER A 29 -4.42 -13.08 -10.60
CA SER A 29 -5.54 -13.60 -11.44
C SER A 29 -6.11 -12.42 -12.25
N ALA A 30 -6.92 -12.79 -13.20
CA ALA A 30 -7.57 -11.80 -14.10
C ALA A 30 -9.07 -11.64 -13.81
N ASP A 31 -9.57 -12.46 -12.92
CA ASP A 31 -11.02 -12.38 -12.55
C ASP A 31 -11.01 -11.36 -11.42
N GLU A 32 -10.07 -11.64 -10.54
CA GLU A 32 -9.77 -10.85 -9.31
C GLU A 32 -10.39 -9.44 -9.22
N PRO A 33 -11.43 -9.29 -8.43
CA PRO A 33 -11.68 -8.06 -7.60
C PRO A 33 -10.37 -7.61 -6.89
N MET A 34 -9.54 -6.99 -7.69
CA MET A 34 -8.20 -6.42 -7.37
C MET A 34 -7.36 -6.98 -6.20
N THR A 35 -6.21 -6.36 -6.11
CA THR A 35 -5.18 -6.67 -5.09
C THR A 35 -4.84 -5.33 -4.43
N THR A 36 -4.18 -5.40 -3.30
CA THR A 36 -3.81 -4.15 -2.59
C THR A 36 -2.29 -4.04 -2.41
N PHE A 37 -1.72 -3.10 -3.10
CA PHE A 37 -0.27 -2.84 -3.05
C PHE A 37 -0.29 -1.56 -2.20
N VAL A 38 0.59 -1.43 -1.26
CA VAL A 38 0.60 -0.21 -0.41
C VAL A 38 2.01 0.30 -0.31
N VAL A 39 2.12 1.60 -0.39
CA VAL A 39 3.43 2.27 -0.31
C VAL A 39 3.32 3.40 0.71
N CYS A 40 4.40 3.60 1.41
CA CYS A 40 4.43 4.68 2.45
C CYS A 40 4.85 5.98 1.77
N ASN A 41 4.23 7.03 2.24
CA ASN A 41 4.49 8.40 1.72
C ASN A 41 5.48 9.11 2.64
N GLU A 42 5.65 8.57 3.82
CA GLU A 42 6.57 9.18 4.79
C GLU A 42 8.06 8.94 4.67
N CYS A 43 8.46 7.72 4.45
CA CYS A 43 9.91 7.44 4.29
C CYS A 43 10.02 6.72 2.96
N GLY A 44 8.90 6.23 2.50
CA GLY A 44 8.91 5.51 1.20
C GLY A 44 9.22 4.01 1.29
N ASN A 45 8.26 3.23 1.71
CA ASN A 45 8.41 1.76 1.85
C ASN A 45 7.34 1.21 0.89
N ARG A 46 7.43 -0.02 0.48
CA ARG A 46 6.38 -0.57 -0.44
C ARG A 46 6.18 -2.08 -0.22
N TRP A 47 4.94 -2.49 0.00
CA TRP A 47 4.66 -3.93 0.25
C TRP A 47 3.28 -4.26 -0.30
N LYS A 48 2.93 -5.51 -0.33
CA LYS A 48 1.58 -5.93 -0.84
C LYS A 48 0.84 -6.79 0.18
N PHE A 49 -0.42 -6.84 -0.12
CA PHE A 49 -1.44 -7.58 0.68
C PHE A 49 -2.59 -7.99 -0.28
N CYS A 50 -3.73 -8.35 0.27
CA CYS A 50 -4.91 -8.75 -0.55
C CYS A 50 -5.80 -7.53 -0.78
ZN ZN B . 7.69 4.88 6.02
N LYS A 1 2.34 -10.93 -1.09
CA LYS A 1 2.99 -10.69 0.23
C LYS A 1 2.20 -11.32 1.38
N THR A 2 2.92 -11.63 2.42
CA THR A 2 2.36 -12.25 3.67
C THR A 2 2.98 -11.65 4.92
N GLY A 3 4.25 -11.35 4.83
CA GLY A 3 4.99 -10.75 5.99
C GLY A 3 4.87 -9.22 5.94
N GLY A 4 5.33 -8.66 4.85
CA GLY A 4 5.28 -7.17 4.66
C GLY A 4 6.69 -6.63 4.43
N THR A 5 6.75 -5.36 4.10
CA THR A 5 8.06 -4.68 3.84
C THR A 5 8.22 -3.61 4.91
N GLN A 6 7.14 -2.88 5.06
CA GLN A 6 7.02 -1.75 6.05
C GLN A 6 7.66 -0.52 5.43
N THR A 7 6.81 0.42 5.14
CA THR A 7 7.25 1.70 4.52
C THR A 7 6.80 2.89 5.36
N ASP A 8 5.70 2.71 6.07
CA ASP A 8 5.13 3.81 6.93
C ASP A 8 4.93 5.06 6.03
N LEU A 9 4.06 4.87 5.06
CA LEU A 9 3.68 5.90 4.03
C LEU A 9 2.16 6.09 4.02
N PHE A 10 1.50 4.99 4.26
CA PHE A 10 0.01 4.88 4.27
C PHE A 10 -0.58 4.44 5.62
N THR A 11 -1.85 4.71 5.83
CA THR A 11 -2.53 4.31 7.10
C THR A 11 -3.51 3.19 6.75
N CYS A 12 -3.84 2.46 7.77
CA CYS A 12 -4.78 1.33 7.68
C CYS A 12 -6.11 1.82 8.24
N GLY A 13 -7.14 1.59 7.50
CA GLY A 13 -8.50 2.03 7.93
C GLY A 13 -9.21 0.94 8.73
N LYS A 14 -8.41 0.29 9.55
CA LYS A 14 -8.91 -0.82 10.44
C LYS A 14 -8.43 -0.58 11.88
N CYS A 15 -7.12 -0.55 12.01
CA CYS A 15 -6.48 -0.33 13.35
C CYS A 15 -6.13 1.16 13.51
N LYS A 16 -6.23 1.86 12.42
CA LYS A 16 -5.94 3.32 12.33
C LYS A 16 -4.49 3.68 12.71
N LYS A 17 -3.51 2.97 12.16
CA LYS A 17 -2.09 3.28 12.50
C LYS A 17 -1.33 3.43 11.16
N LYS A 18 -0.06 3.76 11.25
CA LYS A 18 0.80 3.95 10.02
C LYS A 18 1.91 2.87 9.91
N ASN A 19 1.55 1.62 10.00
CA ASN A 19 2.56 0.52 9.88
C ASN A 19 2.04 -0.43 8.80
N CYS A 20 2.11 0.16 7.65
CA CYS A 20 1.67 -0.45 6.37
C CYS A 20 2.87 -0.62 5.44
N THR A 21 2.65 -1.51 4.51
CA THR A 21 3.67 -1.83 3.47
C THR A 21 2.96 -1.55 2.15
N TYR A 22 3.72 -1.22 1.14
CA TYR A 22 3.11 -0.92 -0.19
C TYR A 22 3.82 -1.66 -1.33
N THR A 23 3.13 -1.68 -2.43
CA THR A 23 3.60 -2.33 -3.67
C THR A 23 3.38 -1.30 -4.77
N GLN A 24 4.43 -1.11 -5.51
CA GLN A 24 4.45 -0.15 -6.64
C GLN A 24 4.56 -1.09 -7.85
N VAL A 25 3.53 -1.25 -8.68
CA VAL A 25 3.73 -2.19 -9.82
C VAL A 25 3.98 -1.29 -11.02
N GLN A 26 5.23 -1.28 -11.43
CA GLN A 26 5.76 -0.47 -12.59
C GLN A 26 4.64 0.37 -13.23
N THR A 27 4.47 1.53 -12.66
CA THR A 27 3.42 2.47 -13.14
C THR A 27 3.85 3.25 -14.38
N ARG A 28 4.54 4.37 -14.20
CA ARG A 28 5.03 5.27 -15.31
C ARG A 28 4.78 4.68 -16.71
N SER A 29 3.55 4.89 -17.09
CA SER A 29 2.93 4.46 -18.38
C SER A 29 3.67 3.30 -19.09
N ALA A 30 3.82 2.30 -18.28
CA ALA A 30 4.49 1.00 -18.59
C ALA A 30 3.27 0.07 -18.67
N ASP A 31 2.51 0.24 -17.62
CA ASP A 31 1.24 -0.49 -17.34
C ASP A 31 0.21 0.58 -16.97
N GLU A 32 0.42 1.71 -17.56
CA GLU A 32 -0.37 2.95 -17.43
C GLU A 32 -1.53 3.05 -16.40
N PRO A 33 -2.56 2.27 -16.51
CA PRO A 33 -3.56 2.07 -15.44
C PRO A 33 -3.09 1.14 -14.30
N MET A 34 -1.93 1.45 -13.73
CA MET A 34 -1.37 0.64 -12.60
C MET A 34 -1.32 1.59 -11.42
N THR A 35 -0.83 1.18 -10.26
CA THR A 35 -0.84 2.18 -9.15
C THR A 35 0.07 1.71 -8.03
N THR A 36 0.03 2.53 -7.02
CA THR A 36 0.81 2.33 -5.79
C THR A 36 -0.27 1.77 -4.85
N PHE A 37 -0.32 0.47 -4.81
CA PHE A 37 -1.30 -0.27 -3.97
C PHE A 37 -0.66 -0.42 -2.60
N VAL A 38 -1.47 -0.41 -1.58
CA VAL A 38 -0.91 -0.55 -0.20
C VAL A 38 -1.76 -1.52 0.62
N VAL A 39 -1.08 -2.23 1.47
CA VAL A 39 -1.73 -3.22 2.36
C VAL A 39 -1.13 -3.03 3.75
N CYS A 40 -1.93 -3.33 4.72
CA CYS A 40 -1.47 -3.18 6.14
C CYS A 40 -0.83 -4.47 6.68
N ASN A 41 0.27 -4.26 7.37
CA ASN A 41 1.08 -5.35 7.99
C ASN A 41 0.60 -5.58 9.43
N GLU A 42 -0.41 -4.85 9.79
CA GLU A 42 -0.98 -4.95 11.15
C GLU A 42 -2.09 -5.95 11.34
N CYS A 43 -3.17 -5.75 10.63
CA CYS A 43 -4.33 -6.67 10.73
C CYS A 43 -4.65 -7.09 9.31
N GLY A 44 -4.02 -6.43 8.36
CA GLY A 44 -4.31 -6.81 6.95
C GLY A 44 -5.49 -6.13 6.26
N ASN A 45 -5.30 -4.87 5.95
CA ASN A 45 -6.31 -4.02 5.28
C ASN A 45 -5.67 -3.73 3.92
N ARG A 46 -6.44 -3.23 3.00
CA ARG A 46 -5.88 -2.93 1.65
C ARG A 46 -6.60 -1.73 1.01
N TRP A 47 -5.80 -0.81 0.52
CA TRP A 47 -6.31 0.42 -0.14
C TRP A 47 -5.29 0.90 -1.19
N LYS A 48 -5.66 1.89 -1.97
CA LYS A 48 -4.74 2.44 -3.03
C LYS A 48 -4.55 3.95 -2.84
N PHE A 49 -3.77 4.51 -3.72
CA PHE A 49 -3.46 5.98 -3.69
C PHE A 49 -3.90 6.72 -4.97
N CYS A 50 -3.82 6.04 -6.09
CA CYS A 50 -4.23 6.67 -7.40
C CYS A 50 -5.48 5.97 -7.96
ZN ZN B . -4.62 -2.52 10.28
N LYS A 1 0.60 -10.05 -9.07
CA LYS A 1 0.97 -8.61 -9.24
C LYS A 1 1.02 -7.87 -7.90
N THR A 2 2.10 -8.13 -7.21
CA THR A 2 2.44 -7.57 -5.87
C THR A 2 1.26 -6.86 -5.16
N GLY A 3 0.45 -7.68 -4.56
CA GLY A 3 -0.76 -7.21 -3.82
C GLY A 3 -0.60 -7.59 -2.35
N GLY A 4 -0.29 -8.83 -2.14
CA GLY A 4 -0.09 -9.41 -0.77
C GLY A 4 1.36 -9.89 -0.67
N THR A 5 2.19 -8.97 -0.27
CA THR A 5 3.65 -9.24 -0.10
C THR A 5 4.05 -9.14 1.38
N GLN A 6 3.60 -8.05 1.94
CA GLN A 6 3.80 -7.61 3.37
C GLN A 6 4.96 -6.60 3.27
N THR A 7 5.00 -6.02 2.10
CA THR A 7 5.97 -4.99 1.63
C THR A 7 6.87 -4.26 2.63
N ASP A 8 6.34 -3.85 3.77
CA ASP A 8 7.14 -3.11 4.82
C ASP A 8 8.20 -2.23 4.12
N LEU A 9 7.65 -1.43 3.24
CA LEU A 9 8.38 -0.46 2.37
C LEU A 9 7.97 0.94 2.83
N PHE A 10 6.71 0.97 3.19
CA PHE A 10 6.02 2.20 3.66
C PHE A 10 5.62 2.07 5.14
N THR A 11 5.50 3.22 5.78
CA THR A 11 5.10 3.27 7.21
C THR A 11 3.67 3.79 7.34
N CYS A 12 3.08 3.38 8.43
CA CYS A 12 1.70 3.77 8.75
C CYS A 12 1.85 5.07 9.53
N GLY A 13 1.25 6.10 8.99
CA GLY A 13 1.33 7.43 9.66
C GLY A 13 0.49 7.52 10.93
N LYS A 14 0.10 6.38 11.48
CA LYS A 14 -0.73 6.39 12.72
C LYS A 14 -0.11 5.58 13.87
N CYS A 15 0.13 4.30 13.64
CA CYS A 15 0.73 3.45 14.72
C CYS A 15 2.27 3.45 14.62
N LYS A 16 2.74 4.00 13.53
CA LYS A 16 4.19 4.15 13.21
C LYS A 16 4.88 2.77 13.16
N LYS A 17 4.31 1.84 12.42
CA LYS A 17 4.91 0.48 12.33
C LYS A 17 5.15 0.19 10.84
N LYS A 18 5.76 -0.94 10.59
CA LYS A 18 6.06 -1.36 9.18
C LYS A 18 5.42 -2.69 8.75
N ASN A 19 4.17 -2.88 9.11
CA ASN A 19 3.47 -4.15 8.72
C ASN A 19 2.29 -3.67 7.88
N CYS A 20 2.74 -3.03 6.84
CA CYS A 20 1.88 -2.43 5.80
C CYS A 20 2.16 -3.28 4.56
N THR A 21 1.17 -3.29 3.72
CA THR A 21 1.22 -4.04 2.43
C THR A 21 0.87 -3.07 1.31
N TYR A 22 1.53 -3.19 0.17
CA TYR A 22 1.19 -2.24 -0.92
C TYR A 22 0.71 -3.03 -2.14
N THR A 23 -0.21 -2.37 -2.78
CA THR A 23 -0.89 -2.86 -3.99
C THR A 23 -0.44 -1.98 -5.15
N GLN A 24 0.00 -2.67 -6.15
CA GLN A 24 0.50 -2.07 -7.42
C GLN A 24 -0.65 -2.33 -8.40
N VAL A 25 -1.66 -1.49 -8.29
CA VAL A 25 -2.88 -1.60 -9.15
C VAL A 25 -3.43 -0.18 -9.42
N GLN A 26 -4.42 -0.15 -10.26
CA GLN A 26 -5.13 1.11 -10.69
C GLN A 26 -6.61 0.94 -10.26
N THR A 27 -7.46 1.82 -10.72
CA THR A 27 -8.91 1.71 -10.37
C THR A 27 -9.45 0.74 -11.42
N ARG A 28 -9.40 -0.45 -10.92
CA ARG A 28 -9.79 -1.74 -11.56
C ARG A 28 -8.39 -2.11 -12.09
N SER A 29 -8.19 -2.23 -13.39
CA SER A 29 -6.84 -2.56 -13.92
C SER A 29 -6.66 -1.69 -15.19
N ALA A 30 -5.51 -1.08 -15.34
CA ALA A 30 -5.23 -0.21 -16.54
C ALA A 30 -4.29 -0.97 -17.47
N ASP A 31 -3.15 -1.25 -16.92
CA ASP A 31 -2.06 -2.00 -17.62
C ASP A 31 -2.09 -3.41 -17.00
N GLU A 32 -2.70 -3.41 -15.82
CA GLU A 32 -3.01 -4.47 -14.82
C GLU A 32 -2.56 -4.16 -13.38
N PRO A 33 -1.30 -3.91 -13.18
CA PRO A 33 -0.72 -3.09 -12.08
C PRO A 33 -0.46 -1.63 -12.48
N MET A 34 -0.46 -0.72 -11.52
CA MET A 34 -0.20 0.72 -11.88
C MET A 34 0.32 1.64 -10.75
N THR A 35 -0.60 2.02 -9.90
CA THR A 35 -0.28 2.93 -8.76
C THR A 35 0.05 2.17 -7.49
N THR A 36 0.79 2.87 -6.69
CA THR A 36 1.26 2.35 -5.38
C THR A 36 0.30 2.87 -4.31
N PHE A 37 -0.59 1.98 -3.97
CA PHE A 37 -1.63 2.21 -2.96
C PHE A 37 -1.06 1.43 -1.79
N VAL A 38 -0.86 2.07 -0.68
CA VAL A 38 -0.29 1.36 0.50
C VAL A 38 -1.31 1.42 1.61
N VAL A 39 -1.57 0.25 2.16
CA VAL A 39 -2.54 0.14 3.26
C VAL A 39 -1.88 -0.56 4.43
N CYS A 40 -2.12 0.01 5.57
CA CYS A 40 -1.56 -0.52 6.84
C CYS A 40 -2.55 -1.58 7.31
N ASN A 41 -2.04 -2.79 7.34
CA ASN A 41 -2.82 -3.97 7.76
C ASN A 41 -2.93 -3.98 9.29
N GLU A 42 -2.41 -2.93 9.89
CA GLU A 42 -2.44 -2.83 11.37
C GLU A 42 -3.61 -2.11 12.01
N CYS A 43 -3.82 -0.89 11.59
CA CYS A 43 -4.93 -0.10 12.16
C CYS A 43 -5.78 0.29 10.96
N GLY A 44 -5.18 0.19 9.79
CA GLY A 44 -5.96 0.56 8.58
C GLY A 44 -5.78 2.02 8.14
N ASN A 45 -4.59 2.31 7.71
CA ASN A 45 -4.19 3.66 7.23
C ASN A 45 -3.99 3.40 5.74
N ARG A 46 -4.69 4.10 4.88
CA ARG A 46 -4.52 3.86 3.42
C ARG A 46 -4.20 5.17 2.71
N TRP A 47 -3.05 5.17 2.08
CA TRP A 47 -2.56 6.36 1.34
C TRP A 47 -1.88 5.92 0.04
N LYS A 48 -1.50 6.88 -0.76
CA LYS A 48 -0.81 6.59 -2.06
C LYS A 48 0.53 7.35 -2.10
N PHE A 49 1.32 7.07 -3.11
CA PHE A 49 2.65 7.75 -3.28
C PHE A 49 2.54 8.76 -4.45
N CYS A 50 3.66 9.05 -5.09
CA CYS A 50 3.65 10.01 -6.23
C CYS A 50 3.96 9.22 -7.52
ZN ZN B . -1.39 1.58 11.39
N LYS A 1 -10.55 11.33 -6.63
CA LYS A 1 -9.65 10.89 -7.73
C LYS A 1 -9.43 9.36 -7.69
N THR A 2 -9.36 8.80 -8.87
CA THR A 2 -9.15 7.33 -9.11
C THR A 2 -8.97 6.46 -7.84
N GLY A 3 -10.05 6.31 -7.10
CA GLY A 3 -10.10 5.52 -5.81
C GLY A 3 -8.72 5.34 -5.15
N GLY A 4 -8.06 6.46 -5.06
CA GLY A 4 -6.69 6.56 -4.47
C GLY A 4 -5.79 6.68 -5.69
N THR A 5 -5.30 5.53 -6.08
CA THR A 5 -4.39 5.38 -7.27
C THR A 5 -4.86 4.08 -7.94
N GLN A 6 -5.01 3.10 -7.08
CA GLN A 6 -5.45 1.69 -7.39
C GLN A 6 -4.33 0.89 -8.04
N THR A 7 -3.14 1.32 -7.73
CA THR A 7 -1.84 0.75 -8.22
C THR A 7 -1.80 -0.75 -8.58
N ASP A 8 -2.60 -1.54 -7.91
CA ASP A 8 -2.68 -3.03 -8.13
C ASP A 8 -1.26 -3.62 -8.24
N LEU A 9 -0.59 -3.49 -7.12
CA LEU A 9 0.82 -3.97 -6.93
C LEU A 9 0.87 -5.02 -5.81
N PHE A 10 0.08 -4.76 -4.81
CA PHE A 10 -0.06 -5.62 -3.59
C PHE A 10 -1.49 -6.18 -3.39
N THR A 11 -1.63 -7.21 -2.58
CA THR A 11 -2.96 -7.83 -2.31
C THR A 11 -3.48 -7.42 -0.93
N CYS A 12 -4.78 -7.55 -0.81
CA CYS A 12 -5.50 -7.23 0.45
C CYS A 12 -5.50 -8.52 1.25
N GLY A 13 -5.27 -8.34 2.51
CA GLY A 13 -5.22 -9.51 3.43
C GLY A 13 -6.61 -9.82 4.00
N LYS A 14 -7.61 -9.39 3.26
CA LYS A 14 -9.03 -9.63 3.67
C LYS A 14 -9.98 -10.04 2.53
N CYS A 15 -10.03 -9.23 1.50
CA CYS A 15 -10.91 -9.49 0.31
C CYS A 15 -10.33 -10.50 -0.67
N LYS A 16 -9.02 -10.68 -0.57
CA LYS A 16 -8.23 -11.62 -1.43
C LYS A 16 -8.19 -11.06 -2.86
N LYS A 17 -8.15 -9.75 -2.99
CA LYS A 17 -8.11 -9.10 -4.33
C LYS A 17 -6.89 -8.17 -4.33
N LYS A 18 -6.65 -7.57 -5.46
CA LYS A 18 -5.49 -6.63 -5.61
C LYS A 18 -5.90 -5.26 -6.19
N ASN A 19 -6.90 -4.67 -5.59
CA ASN A 19 -7.39 -3.32 -6.05
C ASN A 19 -7.13 -2.44 -4.85
N CYS A 20 -5.87 -2.42 -4.59
CA CYS A 20 -5.30 -1.65 -3.47
C CYS A 20 -4.55 -0.48 -4.09
N THR A 21 -4.38 0.49 -3.25
CA THR A 21 -3.68 1.75 -3.57
C THR A 21 -2.49 1.80 -2.64
N TYR A 22 -1.37 2.29 -3.13
CA TYR A 22 -0.18 2.36 -2.24
C TYR A 22 0.36 3.78 -2.31
N THR A 23 1.07 4.09 -1.26
CA THR A 23 1.69 5.43 -1.12
C THR A 23 3.12 5.12 -0.69
N GLN A 24 4.03 5.79 -1.37
CA GLN A 24 5.47 5.61 -1.10
C GLN A 24 5.87 6.96 -0.50
N VAL A 25 6.11 6.94 0.79
CA VAL A 25 6.49 8.18 1.52
C VAL A 25 7.86 7.97 2.16
N GLN A 26 8.41 9.08 2.57
CA GLN A 26 9.75 9.14 3.23
C GLN A 26 9.55 9.51 4.72
N THR A 27 9.70 8.51 5.56
CA THR A 27 9.56 8.69 7.03
C THR A 27 10.90 8.40 7.72
N ARG A 28 10.88 8.68 9.00
CA ARG A 28 12.03 8.50 9.94
C ARG A 28 13.26 7.82 9.31
N SER A 29 14.01 8.67 8.67
CA SER A 29 15.28 8.37 7.92
C SER A 29 15.25 9.18 6.61
N ALA A 30 15.79 10.38 6.70
CA ALA A 30 15.85 11.29 5.52
C ALA A 30 17.31 11.34 5.04
N ASP A 31 17.92 10.20 5.16
CA ASP A 31 19.34 9.98 4.76
C ASP A 31 19.42 8.70 3.91
N GLU A 32 18.41 7.90 4.10
CA GLU A 32 18.20 6.62 3.44
C GLU A 32 16.83 6.78 2.73
N PRO A 33 16.58 5.86 1.82
CA PRO A 33 15.31 5.62 1.08
C PRO A 33 13.96 5.87 1.76
N MET A 34 12.95 5.51 1.01
CA MET A 34 11.52 5.66 1.44
C MET A 34 11.00 4.26 1.77
N THR A 35 9.72 4.21 2.05
CA THR A 35 9.05 2.92 2.38
C THR A 35 7.68 2.93 1.68
N THR A 36 7.13 1.75 1.50
CA THR A 36 5.80 1.60 0.83
C THR A 36 4.73 1.08 1.78
N PHE A 37 3.67 1.85 1.88
CA PHE A 37 2.52 1.52 2.74
C PHE A 37 1.44 1.21 1.70
N VAL A 38 0.64 0.20 1.97
CA VAL A 38 -0.44 -0.19 1.02
C VAL A 38 -1.75 -0.28 1.78
N VAL A 39 -2.77 0.25 1.17
CA VAL A 39 -4.13 0.24 1.79
C VAL A 39 -5.11 -0.32 0.75
N CYS A 40 -6.00 -1.14 1.23
CA CYS A 40 -7.03 -1.76 0.35
C CYS A 40 -8.29 -0.90 0.30
N ASN A 41 -8.43 -0.31 -0.85
CA ASN A 41 -9.57 0.58 -1.18
C ASN A 41 -10.90 -0.17 -1.09
N GLU A 42 -10.79 -1.46 -0.99
CA GLU A 42 -11.98 -2.34 -0.92
C GLU A 42 -12.66 -2.60 0.42
N CYS A 43 -11.91 -3.01 1.40
CA CYS A 43 -12.50 -3.28 2.74
C CYS A 43 -11.82 -2.32 3.67
N GLY A 44 -10.66 -1.89 3.24
CA GLY A 44 -9.88 -0.94 4.08
C GLY A 44 -8.94 -1.71 5.02
N ASN A 45 -7.99 -2.40 4.43
CA ASN A 45 -6.99 -3.22 5.17
C ASN A 45 -5.71 -2.41 4.93
N ARG A 46 -4.89 -2.22 5.92
CA ARG A 46 -3.63 -1.43 5.71
C ARG A 46 -2.40 -2.16 6.27
N TRP A 47 -1.39 -2.27 5.45
CA TRP A 47 -0.13 -2.96 5.85
C TRP A 47 1.06 -2.31 5.11
N LYS A 48 2.24 -2.81 5.36
CA LYS A 48 3.47 -2.24 4.70
C LYS A 48 4.17 -3.32 3.89
N PHE A 49 4.97 -2.85 2.96
CA PHE A 49 5.76 -3.75 2.05
C PHE A 49 7.21 -3.52 2.47
N CYS A 50 7.34 -3.59 3.76
CA CYS A 50 8.63 -3.40 4.47
C CYS A 50 9.00 -4.63 5.31
ZN ZN B . -9.85 -5.47 1.40
N LYS A 1 -6.91 -5.33 4.87
CA LYS A 1 -7.36 -6.60 4.23
C LYS A 1 -6.24 -7.66 4.24
N THR A 2 -6.65 -8.85 3.90
CA THR A 2 -5.75 -10.04 3.83
C THR A 2 -5.92 -10.48 2.36
N GLY A 3 -5.69 -9.52 1.50
CA GLY A 3 -5.80 -9.70 0.03
C GLY A 3 -6.91 -8.75 -0.43
N GLY A 4 -6.54 -7.55 -0.84
CA GLY A 4 -7.56 -6.56 -1.30
C GLY A 4 -7.60 -6.51 -2.82
N THR A 5 -6.44 -6.24 -3.36
CA THR A 5 -6.24 -6.14 -4.82
C THR A 5 -5.09 -7.04 -5.27
N GLN A 6 -4.04 -6.94 -4.49
CA GLN A 6 -2.77 -7.70 -4.69
C GLN A 6 -2.08 -7.24 -5.97
N THR A 7 -1.07 -6.46 -5.69
CA THR A 7 -0.20 -5.84 -6.71
C THR A 7 1.30 -6.14 -6.42
N ASP A 8 2.07 -5.95 -7.46
CA ASP A 8 3.56 -6.18 -7.43
C ASP A 8 4.15 -4.83 -7.87
N LEU A 9 3.79 -3.84 -7.08
CA LEU A 9 4.22 -2.42 -7.29
C LEU A 9 5.10 -1.91 -6.15
N PHE A 10 4.77 -2.37 -4.97
CA PHE A 10 5.51 -1.97 -3.74
C PHE A 10 6.08 -3.11 -2.92
N THR A 11 7.13 -2.78 -2.21
CA THR A 11 7.83 -3.76 -1.35
C THR A 11 7.41 -3.51 0.09
N CYS A 12 7.44 -4.61 0.79
CA CYS A 12 7.08 -4.63 2.21
C CYS A 12 8.41 -4.38 2.90
N GLY A 13 8.34 -3.52 3.87
CA GLY A 13 9.55 -3.17 4.65
C GLY A 13 9.77 -4.12 5.83
N LYS A 14 9.37 -5.36 5.62
CA LYS A 14 9.51 -6.41 6.66
C LYS A 14 10.01 -7.76 6.11
N CYS A 15 9.34 -8.28 5.10
CA CYS A 15 9.78 -9.60 4.52
C CYS A 15 10.44 -9.54 3.13
N LYS A 16 10.68 -8.32 2.71
CA LYS A 16 11.33 -7.93 1.42
C LYS A 16 10.36 -8.03 0.24
N LYS A 17 9.76 -9.19 0.10
CA LYS A 17 8.78 -9.53 -0.95
C LYS A 17 7.91 -8.40 -1.52
N LYS A 18 7.36 -8.75 -2.64
CA LYS A 18 6.46 -7.84 -3.41
C LYS A 18 5.00 -8.30 -3.51
N ASN A 19 4.45 -8.67 -2.37
CA ASN A 19 3.02 -9.15 -2.29
C ASN A 19 2.30 -8.23 -1.30
N CYS A 20 1.90 -7.14 -1.86
CA CYS A 20 1.18 -6.10 -1.09
C CYS A 20 -0.09 -5.74 -1.87
N THR A 21 -0.95 -5.01 -1.22
CA THR A 21 -2.25 -4.54 -1.78
C THR A 21 -2.15 -3.02 -1.69
N TYR A 22 -2.77 -2.30 -2.59
CA TYR A 22 -2.67 -0.80 -2.48
C TYR A 22 -4.01 -0.11 -2.69
N THR A 23 -4.05 1.09 -2.18
CA THR A 23 -5.25 1.97 -2.26
C THR A 23 -4.88 3.24 -3.02
N GLN A 24 -5.75 3.53 -3.93
CA GLN A 24 -5.68 4.71 -4.86
C GLN A 24 -6.99 5.36 -4.42
N VAL A 25 -6.92 6.48 -3.75
CA VAL A 25 -8.18 7.14 -3.29
C VAL A 25 -8.42 8.53 -3.89
N GLN A 26 -9.51 9.05 -3.41
CA GLN A 26 -10.05 10.38 -3.74
C GLN A 26 -9.72 11.11 -2.44
N THR A 27 -9.54 12.40 -2.50
CA THR A 27 -9.20 13.11 -1.22
C THR A 27 -9.95 14.34 -0.70
N ARG A 28 -9.47 15.50 -1.08
CA ARG A 28 -10.02 16.83 -0.67
C ARG A 28 -9.39 16.78 0.73
N SER A 29 -10.11 16.16 1.61
CA SER A 29 -9.71 15.95 3.01
C SER A 29 -10.16 14.54 3.45
N ALA A 30 -9.63 13.55 2.78
CA ALA A 30 -9.96 12.11 3.09
C ALA A 30 -8.66 11.73 3.80
N ASP A 31 -7.64 11.96 3.02
CA ASP A 31 -6.23 11.73 3.38
C ASP A 31 -5.45 12.86 2.69
N GLU A 32 -6.22 13.77 2.11
CA GLU A 32 -5.76 14.96 1.37
C GLU A 32 -4.86 14.65 0.15
N PRO A 33 -5.02 15.47 -0.86
CA PRO A 33 -4.65 15.25 -2.29
C PRO A 33 -3.93 13.96 -2.73
N MET A 34 -4.79 13.12 -3.28
CA MET A 34 -4.52 11.75 -3.86
C MET A 34 -3.13 11.18 -3.62
N THR A 35 -3.10 10.02 -3.00
CA THR A 35 -1.79 9.35 -2.70
C THR A 35 -1.90 7.85 -2.99
N THR A 36 -0.78 7.20 -2.80
CA THR A 36 -0.65 5.74 -3.01
C THR A 36 -0.32 5.16 -1.63
N PHE A 37 -1.28 4.47 -1.06
CA PHE A 37 -1.10 3.86 0.28
C PHE A 37 -0.91 2.37 -0.01
N VAL A 38 0.00 1.72 0.67
CA VAL A 38 0.23 0.27 0.41
C VAL A 38 0.35 -0.50 1.73
N VAL A 39 -0.23 -1.67 1.74
CA VAL A 39 -0.22 -2.55 2.94
C VAL A 39 0.26 -3.95 2.50
N CYS A 40 0.96 -4.60 3.39
CA CYS A 40 1.47 -5.96 3.10
C CYS A 40 0.63 -7.04 3.77
N ASN A 41 -0.36 -7.42 3.03
CA ASN A 41 -1.38 -8.46 3.36
C ASN A 41 -0.79 -9.66 4.13
N GLU A 42 0.47 -9.87 3.86
CA GLU A 42 1.26 -10.98 4.43
C GLU A 42 1.82 -10.97 5.84
N CYS A 43 2.49 -9.93 6.22
CA CYS A 43 3.06 -9.87 7.61
C CYS A 43 2.27 -8.74 8.24
N GLY A 44 1.80 -7.88 7.37
CA GLY A 44 1.01 -6.73 7.88
C GLY A 44 1.86 -5.48 8.14
N ASN A 45 2.47 -4.99 7.09
CA ASN A 45 3.34 -3.80 7.17
C ASN A 45 2.51 -2.75 6.43
N ARG A 46 2.73 -1.51 6.71
CA ARG A 46 1.95 -0.43 6.04
C ARG A 46 2.82 0.81 5.81
N TRP A 47 2.85 1.25 4.58
CA TRP A 47 3.67 2.44 4.22
C TRP A 47 2.99 3.21 3.08
N LYS A 48 3.58 4.32 2.72
CA LYS A 48 3.02 5.16 1.61
C LYS A 48 4.10 5.50 0.57
N PHE A 49 3.62 5.80 -0.60
CA PHE A 49 4.44 6.17 -1.79
C PHE A 49 3.75 7.35 -2.49
N CYS A 50 4.41 7.88 -3.49
CA CYS A 50 3.89 9.03 -4.30
C CYS A 50 3.38 8.51 -5.64
ZN ZN B . 5.65 -8.17 5.07
N LYS A 1 -10.81 -4.28 -0.88
CA LYS A 1 -9.50 -4.03 -0.22
C LYS A 1 -8.43 -4.83 -0.97
N THR A 2 -8.64 -6.12 -0.99
CA THR A 2 -7.77 -7.16 -1.65
C THR A 2 -6.72 -6.60 -2.62
N GLY A 3 -7.22 -5.96 -3.65
CA GLY A 3 -6.36 -5.35 -4.71
C GLY A 3 -6.57 -3.84 -4.81
N GLY A 4 -5.92 -3.29 -5.81
CA GLY A 4 -5.94 -1.84 -6.15
C GLY A 4 -6.94 -0.94 -5.40
N THR A 5 -8.16 -0.96 -5.90
CA THR A 5 -9.35 -0.19 -5.40
C THR A 5 -9.17 1.34 -5.31
N GLN A 6 -8.36 1.74 -4.38
CA GLN A 6 -7.96 3.15 -4.01
C GLN A 6 -8.56 3.14 -2.62
N THR A 7 -7.75 3.49 -1.67
CA THR A 7 -8.23 3.48 -0.27
C THR A 7 -8.09 4.76 0.54
N ASP A 8 -7.14 5.62 0.23
CA ASP A 8 -7.00 6.87 1.06
C ASP A 8 -6.93 6.37 2.53
N LEU A 9 -5.89 5.60 2.78
CA LEU A 9 -5.61 4.96 4.10
C LEU A 9 -4.21 5.41 4.53
N PHE A 10 -3.40 5.48 3.52
CA PHE A 10 -1.96 5.88 3.64
C PHE A 10 -1.60 7.08 2.75
N THR A 11 -0.56 7.78 3.12
CA THR A 11 -0.12 8.96 2.33
C THR A 11 1.21 8.61 1.67
N CYS A 12 1.47 9.33 0.62
CA CYS A 12 2.69 9.15 -0.17
C CYS A 12 3.77 9.97 0.52
N GLY A 13 4.92 9.39 0.54
CA GLY A 13 6.09 10.05 1.20
C GLY A 13 6.79 11.00 0.23
N LYS A 14 6.07 11.44 -0.76
CA LYS A 14 6.65 12.38 -1.78
C LYS A 14 5.79 13.60 -2.14
N CYS A 15 4.60 13.35 -2.63
CA CYS A 15 3.68 14.46 -3.03
C CYS A 15 2.56 14.70 -2.00
N LYS A 16 2.74 14.06 -0.87
CA LYS A 16 1.88 14.06 0.31
C LYS A 16 0.37 13.98 0.00
N LYS A 17 -0.04 12.97 -0.75
CA LYS A 17 -1.47 12.84 -1.10
C LYS A 17 -1.95 11.48 -0.58
N LYS A 18 -3.26 11.37 -0.52
CA LYS A 18 -3.91 10.12 -0.04
C LYS A 18 -4.75 9.47 -1.16
N ASN A 19 -4.13 9.38 -2.31
CA ASN A 19 -4.80 8.75 -3.49
C ASN A 19 -3.80 7.66 -3.85
N CYS A 20 -3.77 6.78 -2.91
CA CYS A 20 -2.92 5.57 -2.91
C CYS A 20 -3.84 4.35 -2.83
N THR A 21 -3.32 3.26 -3.35
CA THR A 21 -4.04 1.94 -3.38
C THR A 21 -3.19 0.95 -2.60
N TYR A 22 -3.86 -0.02 -2.04
CA TYR A 22 -3.10 -1.04 -1.27
C TYR A 22 -3.52 -2.43 -1.74
N THR A 23 -2.51 -3.26 -1.70
CA THR A 23 -2.59 -4.69 -2.09
C THR A 23 -2.42 -5.47 -0.79
N GLN A 24 -3.27 -6.44 -0.65
CA GLN A 24 -3.33 -7.35 0.53
C GLN A 24 -3.05 -8.72 -0.07
N VAL A 25 -1.83 -9.18 0.09
CA VAL A 25 -1.49 -10.52 -0.48
C VAL A 25 -0.46 -11.25 0.35
N GLN A 26 -0.13 -12.39 -0.19
CA GLN A 26 0.85 -13.36 0.39
C GLN A 26 0.58 -13.39 1.89
N THR A 27 -0.44 -14.16 2.18
CA THR A 27 -0.88 -14.34 3.59
C THR A 27 -0.77 -15.83 3.95
N ARG A 28 0.05 -15.99 4.96
CA ARG A 28 0.48 -17.28 5.64
C ARG A 28 1.95 -17.22 5.17
N SER A 29 2.02 -17.15 3.87
CA SER A 29 3.26 -17.06 3.06
C SER A 29 4.41 -18.03 3.18
N ALA A 30 5.28 -17.77 2.24
CA ALA A 30 6.55 -18.51 2.06
C ALA A 30 7.76 -17.66 2.43
N ASP A 31 7.71 -17.14 3.64
CA ASP A 31 8.73 -16.28 4.33
C ASP A 31 8.18 -14.88 4.68
N GLU A 32 7.24 -14.44 3.89
CA GLU A 32 6.64 -13.09 4.12
C GLU A 32 5.11 -13.12 4.36
N PRO A 33 4.68 -13.42 5.58
CA PRO A 33 3.23 -13.50 5.95
C PRO A 33 2.42 -12.26 5.56
N MET A 34 1.11 -12.44 5.62
CA MET A 34 0.12 -11.37 5.30
C MET A 34 0.61 -9.94 5.51
N THR A 35 0.75 -9.20 4.44
CA THR A 35 1.23 -7.79 4.59
C THR A 35 0.46 -6.90 3.63
N THR A 36 0.54 -5.63 3.97
CA THR A 36 -0.14 -4.57 3.19
C THR A 36 0.94 -3.81 2.43
N PHE A 37 0.78 -3.78 1.13
CA PHE A 37 1.73 -3.09 0.24
C PHE A 37 0.90 -1.87 -0.20
N VAL A 38 1.48 -0.71 -0.18
CA VAL A 38 0.75 0.53 -0.58
C VAL A 38 1.60 1.25 -1.62
N VAL A 39 0.96 1.59 -2.71
CA VAL A 39 1.66 2.30 -3.80
C VAL A 39 0.83 3.55 -4.12
N CYS A 40 1.57 4.59 -4.35
CA CYS A 40 0.98 5.93 -4.68
C CYS A 40 0.82 6.11 -6.18
N ASN A 41 -0.40 5.88 -6.55
CA ASN A 41 -0.88 5.98 -7.94
C ASN A 41 -0.51 7.33 -8.56
N GLU A 42 -0.26 8.28 -7.69
CA GLU A 42 0.09 9.66 -8.09
C GLU A 42 1.49 10.03 -8.57
N CYS A 43 2.50 9.73 -7.80
CA CYS A 43 3.88 10.07 -8.24
C CYS A 43 4.56 8.72 -8.39
N GLY A 44 3.97 7.75 -7.72
CA GLY A 44 4.57 6.38 -7.81
C GLY A 44 5.65 6.16 -6.74
N ASN A 45 5.20 6.08 -5.53
CA ASN A 45 6.06 5.87 -4.33
C ASN A 45 5.52 4.52 -3.81
N ARG A 46 6.37 3.60 -3.43
CA ARG A 46 5.84 2.29 -2.92
C ARG A 46 6.49 1.92 -1.60
N TRP A 47 5.65 1.59 -0.64
CA TRP A 47 6.13 1.20 0.70
C TRP A 47 5.18 0.13 1.25
N LYS A 48 5.58 -0.49 2.34
CA LYS A 48 4.71 -1.56 2.96
C LYS A 48 4.40 -1.19 4.42
N PHE A 49 3.34 -1.81 4.87
CA PHE A 49 2.74 -1.69 6.25
C PHE A 49 3.47 -0.77 7.23
N CYS A 50 4.67 -1.15 7.59
CA CYS A 50 5.57 -0.41 8.55
C CYS A 50 4.98 0.86 9.17
ZN ZN B . 3.39 10.51 -4.65
N LYS A 1 12.35 -7.63 -3.57
CA LYS A 1 12.59 -8.16 -2.19
C LYS A 1 12.93 -6.99 -1.25
N THR A 2 12.19 -5.92 -1.45
CA THR A 2 12.36 -4.68 -0.64
C THR A 2 11.00 -4.38 -0.01
N GLY A 3 10.64 -5.25 0.90
CA GLY A 3 9.33 -5.13 1.62
C GLY A 3 9.52 -5.02 3.13
N GLY A 4 8.38 -4.90 3.76
CA GLY A 4 8.30 -4.79 5.24
C GLY A 4 7.48 -5.97 5.73
N THR A 5 6.46 -6.24 4.97
CA THR A 5 5.51 -7.36 5.24
C THR A 5 5.17 -8.07 3.92
N GLN A 6 5.06 -7.26 2.90
CA GLN A 6 4.72 -7.71 1.51
C GLN A 6 3.24 -8.13 1.51
N THR A 7 2.56 -7.53 2.46
CA THR A 7 1.10 -7.70 2.76
C THR A 7 0.19 -8.35 1.68
N ASP A 8 0.31 -7.89 0.46
CA ASP A 8 -0.52 -8.44 -0.67
C ASP A 8 -2.04 -8.13 -0.52
N LEU A 9 -2.42 -6.88 -0.58
CA LEU A 9 -3.87 -6.49 -0.45
C LEU A 9 -4.22 -5.65 -1.67
N PHE A 10 -3.24 -4.89 -2.06
CA PHE A 10 -3.36 -3.98 -3.23
C PHE A 10 -2.34 -4.41 -4.29
N THR A 11 -2.62 -4.10 -5.52
CA THR A 11 -1.70 -4.47 -6.62
C THR A 11 -0.90 -3.25 -7.04
N CYS A 12 0.21 -3.51 -7.66
CA CYS A 12 1.06 -2.41 -8.14
C CYS A 12 0.56 -2.26 -9.56
N GLY A 13 -0.09 -1.15 -9.79
CA GLY A 13 -0.64 -0.89 -11.15
C GLY A 13 0.44 -0.56 -12.19
N LYS A 14 1.64 -1.04 -11.95
CA LYS A 14 2.77 -0.78 -12.91
C LYS A 14 3.29 -2.12 -13.47
N CYS A 15 3.81 -2.95 -12.60
CA CYS A 15 4.33 -4.28 -13.05
C CYS A 15 3.20 -5.30 -13.09
N LYS A 16 2.10 -4.92 -12.46
CA LYS A 16 0.85 -5.73 -12.39
C LYS A 16 0.94 -6.98 -11.47
N LYS A 17 1.48 -6.87 -10.28
CA LYS A 17 1.57 -8.07 -9.38
C LYS A 17 1.16 -7.63 -7.98
N LYS A 18 1.06 -8.58 -7.09
CA LYS A 18 0.66 -8.27 -5.67
C LYS A 18 1.83 -8.47 -4.69
N ASN A 19 2.95 -7.90 -5.01
CA ASN A 19 4.17 -8.02 -4.16
C ASN A 19 4.48 -6.60 -3.70
N CYS A 20 3.52 -6.19 -2.93
CA CYS A 20 3.48 -4.84 -2.31
C CYS A 20 3.37 -4.94 -0.79
N THR A 21 3.96 -3.96 -0.16
CA THR A 21 3.97 -3.82 1.34
C THR A 21 3.12 -2.58 1.66
N TYR A 22 2.43 -2.58 2.77
CA TYR A 22 1.60 -1.37 3.11
C TYR A 22 1.87 -0.86 4.53
N THR A 23 1.39 0.33 4.80
CA THR A 23 1.57 0.97 6.14
C THR A 23 0.20 1.32 6.72
N GLN A 24 0.11 1.19 8.01
CA GLN A 24 -1.13 1.47 8.79
C GLN A 24 -0.90 2.55 9.86
N VAL A 25 -1.05 3.79 9.46
CA VAL A 25 -0.84 4.97 10.37
C VAL A 25 -2.16 5.75 10.46
N GLN A 26 -2.19 6.64 11.41
CA GLN A 26 -3.38 7.51 11.67
C GLN A 26 -2.95 8.98 11.51
N THR A 27 -3.65 9.70 10.65
CA THR A 27 -3.31 11.15 10.43
C THR A 27 -4.28 12.07 11.16
N ARG A 28 -5.42 12.33 10.57
CA ARG A 28 -6.43 13.20 11.18
C ARG A 28 -7.68 12.39 11.53
N SER A 29 -8.64 13.06 12.07
CA SER A 29 -9.95 12.43 12.48
C SER A 29 -9.77 11.22 13.41
N ALA A 30 -9.89 11.48 14.68
CA ALA A 30 -9.74 10.40 15.69
C ALA A 30 -11.11 9.79 15.99
N ASP A 31 -11.91 9.77 14.96
CA ASP A 31 -13.30 9.23 15.00
C ASP A 31 -13.31 8.12 13.93
N GLU A 32 -12.53 8.38 12.90
CA GLU A 32 -12.34 7.48 11.73
C GLU A 32 -10.89 6.90 11.77
N PRO A 33 -10.66 5.87 12.57
CA PRO A 33 -9.36 5.14 12.75
C PRO A 33 -8.12 5.42 11.87
N MET A 34 -7.39 4.36 11.63
CA MET A 34 -6.16 4.51 10.79
C MET A 34 -6.53 4.56 9.30
N THR A 35 -5.49 4.69 8.52
CA THR A 35 -5.63 4.76 7.03
C THR A 35 -4.73 3.69 6.45
N THR A 36 -4.84 3.48 5.16
CA THR A 36 -4.00 2.44 4.49
C THR A 36 -3.25 2.99 3.26
N PHE A 37 -1.93 3.00 3.36
CA PHE A 37 -1.03 3.49 2.27
C PHE A 37 -0.33 2.24 1.72
N VAL A 38 -0.05 2.21 0.43
CA VAL A 38 0.63 1.02 -0.19
C VAL A 38 1.82 1.44 -1.03
N VAL A 39 2.90 0.73 -0.86
CA VAL A 39 4.16 0.98 -1.61
C VAL A 39 4.59 -0.38 -2.14
N CYS A 40 4.85 -0.41 -3.42
CA CYS A 40 5.29 -1.69 -4.07
C CYS A 40 6.77 -1.95 -3.87
N ASN A 41 7.06 -3.19 -3.62
CA ASN A 41 8.43 -3.70 -3.40
C ASN A 41 9.11 -4.02 -4.73
N GLU A 42 8.31 -4.03 -5.76
CA GLU A 42 8.78 -4.34 -7.12
C GLU A 42 9.46 -3.23 -7.91
N CYS A 43 8.75 -2.17 -8.18
CA CYS A 43 9.32 -1.03 -8.95
C CYS A 43 9.15 0.18 -8.06
N GLY A 44 8.38 0.01 -7.02
CA GLY A 44 8.17 1.18 -6.11
C GLY A 44 7.06 2.11 -6.59
N ASN A 45 5.88 1.55 -6.73
CA ASN A 45 4.67 2.30 -7.18
C ASN A 45 4.12 2.67 -5.79
N ARG A 46 3.84 3.93 -5.60
CA ARG A 46 3.30 4.37 -4.27
C ARG A 46 1.94 5.07 -4.42
N TRP A 47 0.97 4.53 -3.71
CA TRP A 47 -0.40 5.09 -3.77
C TRP A 47 -1.14 4.83 -2.45
N LYS A 48 -2.34 5.37 -2.38
CA LYS A 48 -3.20 5.21 -1.16
C LYS A 48 -4.52 4.52 -1.55
N PHE A 49 -5.32 4.17 -0.57
CA PHE A 49 -6.63 3.49 -0.86
C PHE A 49 -7.83 4.43 -0.65
N CYS A 50 -8.88 3.92 -0.06
CA CYS A 50 -10.12 4.72 0.20
C CYS A 50 -10.23 5.08 1.69
ZN ZN B . 5.25 -2.08 -10.43
N LYS A 1 -12.87 -6.89 0.58
CA LYS A 1 -12.72 -6.13 -0.68
C LYS A 1 -12.44 -4.64 -0.44
N THR A 2 -12.95 -4.10 0.64
CA THR A 2 -12.71 -2.65 0.97
C THR A 2 -11.65 -2.56 2.08
N GLY A 3 -10.95 -1.43 2.14
CA GLY A 3 -9.90 -1.25 3.20
C GLY A 3 -9.95 0.11 3.91
N GLY A 4 -9.21 1.04 3.37
CA GLY A 4 -9.12 2.43 3.91
C GLY A 4 -9.63 3.38 2.84
N THR A 5 -9.11 3.12 1.67
CA THR A 5 -9.44 3.89 0.43
C THR A 5 -9.95 2.82 -0.56
N GLN A 6 -9.09 1.85 -0.70
CA GLN A 6 -9.21 0.64 -1.57
C GLN A 6 -8.78 1.18 -2.91
N THR A 7 -7.66 0.67 -3.32
CA THR A 7 -7.06 1.10 -4.60
C THR A 7 -6.86 0.02 -5.66
N ASP A 8 -6.60 -1.19 -5.25
CA ASP A 8 -6.38 -2.30 -6.25
C ASP A 8 -5.29 -1.81 -7.27
N LEU A 9 -4.15 -1.49 -6.71
CA LEU A 9 -2.94 -0.99 -7.43
C LEU A 9 -1.77 -1.91 -7.09
N PHE A 10 -1.85 -2.41 -5.87
CA PHE A 10 -0.81 -3.31 -5.29
C PHE A 10 -1.29 -4.70 -4.86
N THR A 11 -0.35 -5.62 -4.88
CA THR A 11 -0.60 -7.03 -4.48
C THR A 11 0.07 -7.23 -3.11
N CYS A 12 -0.35 -8.27 -2.45
CA CYS A 12 0.17 -8.63 -1.12
C CYS A 12 1.21 -9.73 -1.37
N GLY A 13 2.31 -9.61 -0.69
CA GLY A 13 3.40 -10.62 -0.84
C GLY A 13 3.13 -11.87 -0.01
N LYS A 14 1.87 -12.08 0.29
CA LYS A 14 1.43 -13.26 1.10
C LYS A 14 0.25 -14.02 0.47
N CYS A 15 -0.81 -13.28 0.28
CA CYS A 15 -2.08 -13.78 -0.31
C CYS A 15 -2.01 -13.85 -1.84
N LYS A 16 -1.10 -13.06 -2.39
CA LYS A 16 -0.84 -12.95 -3.85
C LYS A 16 -2.13 -12.46 -4.56
N LYS A 17 -2.82 -11.50 -3.98
CA LYS A 17 -4.07 -10.99 -4.61
C LYS A 17 -3.96 -9.46 -4.61
N LYS A 18 -4.91 -8.84 -5.27
CA LYS A 18 -4.92 -7.34 -5.36
C LYS A 18 -6.08 -6.79 -4.54
N ASN A 19 -6.00 -7.08 -3.27
CA ASN A 19 -7.04 -6.62 -2.30
C ASN A 19 -6.33 -5.82 -1.21
N CYS A 20 -5.68 -4.80 -1.71
CA CYS A 20 -4.90 -3.86 -0.86
C CYS A 20 -5.44 -2.41 -0.97
N THR A 21 -5.09 -1.67 0.05
CA THR A 21 -5.48 -0.22 0.16
C THR A 21 -4.17 0.58 0.27
N TYR A 22 -4.15 1.82 -0.14
CA TYR A 22 -2.87 2.61 -0.05
C TYR A 22 -3.13 4.07 0.33
N THR A 23 -2.10 4.66 0.88
CA THR A 23 -2.15 6.09 1.30
C THR A 23 -0.98 6.75 0.56
N GLN A 24 -1.25 7.96 0.15
CA GLN A 24 -0.28 8.79 -0.61
C GLN A 24 -0.02 10.05 0.24
N VAL A 25 0.87 9.91 1.18
CA VAL A 25 1.23 11.04 2.10
C VAL A 25 2.76 11.20 2.16
N GLN A 26 3.18 12.12 2.99
CA GLN A 26 4.62 12.46 3.20
C GLN A 26 5.00 12.01 4.62
N THR A 27 6.29 11.98 4.81
CA THR A 27 6.91 11.59 6.12
C THR A 27 7.54 12.89 6.68
N ARG A 28 8.73 12.83 7.23
CA ARG A 28 9.38 14.06 7.80
C ARG A 28 10.58 14.43 6.93
N SER A 29 10.24 14.45 5.69
CA SER A 29 11.16 14.77 4.59
C SER A 29 11.04 16.25 4.19
N ALA A 30 11.72 16.58 3.12
CA ALA A 30 11.73 17.97 2.59
C ALA A 30 10.94 18.20 1.30
N ASP A 31 9.65 18.07 1.48
CA ASP A 31 8.55 18.22 0.46
C ASP A 31 8.08 16.88 -0.06
N GLU A 32 9.03 15.97 -0.18
CA GLU A 32 8.82 14.58 -0.68
C GLU A 32 7.42 14.36 -1.30
N PRO A 33 7.32 14.64 -2.58
CA PRO A 33 6.07 14.41 -3.35
C PRO A 33 5.49 12.98 -3.14
N MET A 34 4.27 12.84 -3.60
CA MET A 34 3.49 11.57 -3.53
C MET A 34 4.30 10.31 -3.13
N THR A 35 3.98 9.69 -2.02
CA THR A 35 4.76 8.46 -1.63
C THR A 35 3.74 7.33 -1.69
N THR A 36 4.22 6.11 -1.68
CA THR A 36 3.28 4.95 -1.74
C THR A 36 3.48 3.95 -0.60
N PHE A 37 2.61 4.05 0.38
CA PHE A 37 2.63 3.17 1.56
C PHE A 37 1.37 2.35 1.28
N VAL A 38 1.56 1.05 1.20
CA VAL A 38 0.41 0.13 0.91
C VAL A 38 0.28 -0.94 1.98
N VAL A 39 -0.96 -1.22 2.28
CA VAL A 39 -1.29 -2.24 3.30
C VAL A 39 -2.29 -3.20 2.65
N CYS A 40 -2.10 -4.44 2.99
CA CYS A 40 -2.96 -5.54 2.49
C CYS A 40 -4.06 -5.75 3.49
N ASN A 41 -5.24 -5.54 2.99
CA ASN A 41 -6.46 -5.70 3.80
C ASN A 41 -6.80 -7.20 3.86
N GLU A 42 -5.92 -8.01 3.30
CA GLU A 42 -6.12 -9.48 3.28
C GLU A 42 -5.63 -10.31 4.47
N CYS A 43 -4.35 -10.31 4.68
CA CYS A 43 -3.72 -11.07 5.79
C CYS A 43 -3.15 -10.00 6.69
N GLY A 44 -2.94 -8.84 6.09
CA GLY A 44 -2.37 -7.72 6.89
C GLY A 44 -0.86 -7.70 6.69
N ASN A 45 -0.46 -7.42 5.49
CA ASN A 45 0.97 -7.33 5.07
C ASN A 45 1.13 -5.85 4.74
N ARG A 46 2.26 -5.26 5.01
CA ARG A 46 2.44 -3.81 4.69
C ARG A 46 3.82 -3.61 4.05
N TRP A 47 3.82 -2.81 3.02
CA TRP A 47 5.08 -2.51 2.28
C TRP A 47 4.99 -1.13 1.61
N LYS A 48 6.09 -0.69 1.08
CA LYS A 48 6.14 0.64 0.38
C LYS A 48 6.65 0.37 -1.03
N PHE A 49 6.63 1.41 -1.84
CA PHE A 49 7.09 1.36 -3.27
C PHE A 49 7.36 -0.04 -3.86
N CYS A 50 6.24 -0.64 -4.20
CA CYS A 50 6.16 -2.01 -4.79
C CYS A 50 7.25 -2.97 -4.28
ZN ZN B . -1.98 -10.66 2.71
#